data_2R0Z
#
_entry.id   2R0Z
#
_cell.length_a   41.467
_cell.length_b   112.243
_cell.length_c   43.174
_cell.angle_alpha   90.000
_cell.angle_beta   93.430
_cell.angle_gamma   90.000
#
_symmetry.space_group_name_H-M   'P 1 21 1'
#
loop_
_entity.id
_entity.type
_entity.pdbx_description
1 polymer 'IgG2a Fab fragment light chain'
2 polymer 'IgG2a Fab fragment heavy chain, Fd portion'
3 polymer 'GripI peptide fragment'
4 non-polymer GLYCEROL
5 water water
#
loop_
_entity_poly.entity_id
_entity_poly.type
_entity_poly.pdbx_seq_one_letter_code
_entity_poly.pdbx_strand_id
1 'polypeptide(L)'
;DVLMTQTPLSLPVSLGDQASISCRSSQSIVHSNGNTYLEWYLQKPGQSPKLLIYKVSNRFSGVPDRFSGSGSGTDFTLKI
SRVEAEDLGVYYCFQGSHVPLTFGAGTKLELKRADAAPTVSIFPPSSEQLTSGGASVVCFLNNFYPKDINVKWKIDGSER
QNGVLNSWTDQDSKDSTYSMSSTLTLTKDEYERHNSYTCEATHKTSTSPIVKSFNRNE(YCM)
;
L
2 'polypeptide(L)'
;QVTLKESGPGILKPSQTLSLTCSFSGFSLSTSGMGVGWIRQPSGKGLEWLAHIWWDDDRSYNPSLKSQLTISKDTSRNQV
FLRITSVDTADTATYYCVRRAHTTVLGDWFAYWGQGTLVTVSAAKTTAPSVYPLAPVCGDTTGSSVTLGCLVKGYFPEPV
TLTWNSGSLSSGVHTFPALLQSDLYTLSSSSTVTSSTWPSQSITCNVAHPASSTKVDKKIEPR
;
H
3 'polypeptide(L)' AKFRHD Q
#
loop_
_chem_comp.id
_chem_comp.type
_chem_comp.name
_chem_comp.formula
GOL non-polymer GLYCEROL 'C3 H8 O3'
#
# COMPACT_ATOMS: atom_id res chain seq x y z
N ASP A 1 -22.15 7.91 -5.49
CA ASP A 1 -21.25 6.77 -5.87
C ASP A 1 -21.94 5.45 -5.62
N VAL A 2 -21.65 4.46 -6.46
CA VAL A 2 -22.17 3.12 -6.25
C VAL A 2 -21.13 2.38 -5.44
N LEU A 3 -21.49 2.05 -4.21
CA LEU A 3 -20.58 1.36 -3.30
C LEU A 3 -20.45 -0.09 -3.75
N MET A 4 -19.21 -0.55 -3.80
CA MET A 4 -18.91 -1.92 -4.19
C MET A 4 -18.29 -2.62 -2.97
N THR A 5 -19.09 -3.46 -2.32
CA THR A 5 -18.68 -4.09 -1.07
C THR A 5 -18.22 -5.50 -1.37
N GLN A 6 -16.93 -5.76 -1.11
CA GLN A 6 -16.36 -7.09 -1.29
C GLN A 6 -16.28 -7.81 0.04
N THR A 7 -16.58 -9.12 0.02
CA THR A 7 -16.46 -9.97 1.22
C THR A 7 -15.78 -11.30 0.89
N PRO A 8 -14.72 -11.65 1.63
CA PRO A 8 -14.06 -10.83 2.64
C PRO A 8 -13.07 -9.83 2.03
N LEU A 9 -12.36 -9.08 2.86
CA LEU A 9 -11.28 -8.21 2.42
C LEU A 9 -9.90 -8.85 2.61
N SER A 10 -9.87 -9.95 3.35
CA SER A 10 -8.67 -10.77 3.52
C SER A 10 -9.08 -12.24 3.49
N LEU A 11 -8.58 -12.97 2.50
CA LEU A 11 -8.94 -14.37 2.33
C LEU A 11 -7.71 -15.30 2.34
N PRO A 12 -7.36 -15.83 3.53
CA PRO A 12 -6.30 -16.84 3.54
C PRO A 12 -6.80 -18.15 2.94
N VAL A 13 -5.93 -18.82 2.17
CA VAL A 13 -6.22 -20.10 1.51
C VAL A 13 -4.96 -20.95 1.41
N SER A 14 -5.14 -22.27 1.35
CA SER A 14 -4.03 -23.18 1.03
C SER A 14 -3.99 -23.35 -0.49
N LEU A 15 -2.84 -23.73 -1.02
CA LEU A 15 -2.76 -24.03 -2.46
C LEU A 15 -3.60 -25.29 -2.73
N GLY A 16 -4.30 -25.30 -3.86
CA GLY A 16 -5.21 -26.40 -4.19
C GLY A 16 -6.63 -26.14 -3.71
N ASP A 17 -6.78 -25.28 -2.72
CA ASP A 17 -8.08 -24.94 -2.14
C ASP A 17 -8.96 -24.10 -3.06
N GLN A 18 -10.28 -24.23 -2.88
CA GLN A 18 -11.25 -23.35 -3.52
C GLN A 18 -11.19 -21.98 -2.89
N ALA A 19 -11.53 -20.96 -3.67
CA ALA A 19 -11.75 -19.65 -3.08
C ALA A 19 -12.94 -19.00 -3.74
N SER A 20 -13.59 -18.08 -3.03
CA SER A 20 -14.64 -17.23 -3.60
C SER A 20 -14.76 -15.89 -2.88
N ILE A 21 -15.03 -14.87 -3.68
CA ILE A 21 -15.15 -13.51 -3.19
C ILE A 21 -16.47 -12.91 -3.64
N SER A 22 -17.24 -12.41 -2.68
CA SER A 22 -18.50 -11.74 -2.93
C SER A 22 -18.35 -10.24 -3.23
N CYS A 23 -19.24 -9.72 -4.06
CA CYS A 23 -19.27 -8.31 -4.38
C CYS A 23 -20.74 -7.91 -4.49
N ARG A 24 -21.16 -6.98 -3.63
CA ARG A 24 -22.53 -6.49 -3.62
C ARG A 24 -22.55 -4.99 -3.86
N SER A 25 -23.36 -4.56 -4.80
CA SER A 25 -23.41 -3.14 -5.12
C SER A 25 -24.58 -2.41 -4.44
N SER A 26 -24.42 -1.10 -4.26
CA SER A 26 -25.47 -0.22 -3.70
C SER A 26 -26.71 -0.20 -4.56
N GLN A 27 -26.52 -0.19 -5.87
CA GLN A 27 -27.63 -0.22 -6.83
C GLN A 27 -27.34 -1.27 -7.89
N SER A 28 -28.37 -1.58 -8.69
CA SER A 28 -28.23 -2.49 -9.82
C SER A 28 -27.17 -1.96 -10.77
N ILE A 29 -26.30 -2.84 -11.27
CA ILE A 29 -25.31 -2.36 -12.21
C ILE A 29 -25.57 -2.76 -13.65
N VAL A 30 -26.87 -2.89 -13.93
CA VAL A 30 -27.41 -3.13 -15.26
C VAL A 30 -27.49 -1.79 -15.96
N HIS A 31 -26.81 -1.70 -17.11
CA HIS A 31 -26.81 -0.49 -17.95
C HIS A 31 -28.16 -0.30 -18.66
N SER A 32 -28.41 0.91 -19.18
CA SER A 32 -29.62 1.20 -19.96
CA SER A 32 -29.63 1.19 -19.95
C SER A 32 -29.74 0.33 -21.21
N ASN A 33 -28.60 -0.16 -21.71
CA ASN A 33 -28.54 -1.02 -22.89
C ASN A 33 -28.75 -2.50 -22.56
N GLY A 34 -28.93 -2.82 -21.28
CA GLY A 34 -29.23 -4.18 -20.86
C GLY A 34 -28.05 -5.04 -20.44
N ASN A 35 -26.83 -4.60 -20.73
CA ASN A 35 -25.64 -5.32 -20.24
C ASN A 35 -25.23 -4.88 -18.83
N THR A 36 -24.45 -5.74 -18.18
CA THR A 36 -24.00 -5.51 -16.81
C THR A 36 -22.48 -5.43 -16.84
N TYR A 37 -21.96 -4.22 -16.73
CA TYR A 37 -20.51 -4.00 -16.75
C TYR A 37 -19.94 -4.14 -15.36
N LEU A 38 -19.86 -5.40 -14.96
CA LEU A 38 -19.16 -5.83 -13.76
C LEU A 38 -17.90 -6.53 -14.21
N GLU A 39 -16.76 -6.06 -13.71
CA GLU A 39 -15.47 -6.57 -14.10
C GLU A 39 -14.66 -6.93 -12.85
N TRP A 40 -13.69 -7.82 -13.00
CA TRP A 40 -12.85 -8.22 -11.90
C TRP A 40 -11.38 -8.08 -12.32
N TYR A 41 -10.59 -7.44 -11.46
CA TYR A 41 -9.17 -7.18 -11.74
C TYR A 41 -8.30 -7.82 -10.67
N LEU A 42 -7.14 -8.29 -11.08
CA LEU A 42 -6.13 -8.73 -10.15
C LEU A 42 -4.90 -7.81 -10.23
N GLN A 43 -4.47 -7.33 -9.06
CA GLN A 43 -3.27 -6.51 -8.94
C GLN A 43 -2.25 -7.17 -8.04
N LYS A 44 -1.04 -7.33 -8.57
CA LYS A 44 0.09 -7.83 -7.79
C LYS A 44 1.00 -6.64 -7.37
N PRO A 45 1.82 -6.83 -6.32
CA PRO A 45 2.65 -5.73 -5.80
C PRO A 45 3.68 -5.23 -6.83
N GLY A 46 3.76 -3.91 -6.99
CA GLY A 46 4.66 -3.29 -7.97
C GLY A 46 4.00 -3.10 -9.33
N GLN A 47 3.06 -3.97 -9.65
CA GLN A 47 2.40 -4.01 -10.96
C GLN A 47 1.04 -3.36 -10.94
N SER A 48 0.58 -2.96 -12.11
CA SER A 48 -0.76 -2.39 -12.26
C SER A 48 -1.82 -3.51 -12.35
N PRO A 49 -3.12 -3.17 -12.10
CA PRO A 49 -4.21 -4.16 -12.18
C PRO A 49 -4.33 -4.83 -13.55
N LYS A 50 -4.74 -6.09 -13.57
CA LYS A 50 -4.94 -6.84 -14.81
C LYS A 50 -6.37 -7.29 -14.87
N LEU A 51 -6.97 -7.22 -16.06
CA LEU A 51 -8.34 -7.68 -16.27
C LEU A 51 -8.45 -9.20 -16.20
N LEU A 52 -9.42 -9.69 -15.42
CA LEU A 52 -9.63 -11.13 -15.31
C LEU A 52 -10.93 -11.59 -15.96
N ILE A 53 -11.97 -10.79 -15.76
CA ILE A 53 -13.36 -11.14 -16.02
C ILE A 53 -14.09 -9.86 -16.43
N TYR A 54 -14.83 -9.93 -17.52
CA TYR A 54 -15.67 -8.80 -17.96
C TYR A 54 -17.11 -9.26 -18.12
N LYS A 55 -18.04 -8.30 -18.08
CA LYS A 55 -19.47 -8.57 -18.16
C LYS A 55 -19.93 -9.75 -17.28
N VAL A 56 -19.54 -9.70 -16.00
CA VAL A 56 -19.98 -10.64 -14.96
C VAL A 56 -19.28 -12.00 -14.98
N SER A 57 -19.25 -12.64 -16.14
CA SER A 57 -18.88 -14.06 -16.22
C SER A 57 -17.88 -14.46 -17.32
N ASN A 58 -17.36 -13.50 -18.06
CA ASN A 58 -16.51 -13.81 -19.21
C ASN A 58 -15.03 -13.66 -18.90
N ARG A 59 -14.27 -14.75 -19.10
CA ARG A 59 -12.82 -14.78 -18.86
C ARG A 59 -12.09 -13.95 -19.90
N PHE A 60 -11.21 -13.06 -19.45
CA PHE A 60 -10.40 -12.28 -20.36
C PHE A 60 -9.23 -13.15 -20.90
N SER A 61 -8.44 -12.62 -21.84
CA SER A 61 -7.27 -13.34 -22.39
C SER A 61 -6.26 -13.76 -21.33
N GLY A 62 -5.68 -14.94 -21.49
CA GLY A 62 -4.71 -15.46 -20.53
C GLY A 62 -5.26 -15.89 -19.17
N VAL A 63 -6.58 -15.80 -18.95
CA VAL A 63 -7.19 -16.18 -17.67
C VAL A 63 -7.57 -17.69 -17.72
N PRO A 64 -6.94 -18.51 -16.86
CA PRO A 64 -7.21 -19.97 -16.85
C PRO A 64 -8.64 -20.31 -16.46
N ASP A 65 -9.11 -21.51 -16.83
CA ASP A 65 -10.50 -21.92 -16.60
C ASP A 65 -10.84 -22.19 -15.13
N ARG A 66 -9.82 -22.25 -14.27
CA ARG A 66 -10.04 -22.35 -12.83
C ARG A 66 -10.77 -21.10 -12.28
N PHE A 67 -10.75 -20.01 -13.05
CA PHE A 67 -11.42 -18.75 -12.67
C PHE A 67 -12.82 -18.67 -13.27
N SER A 68 -13.79 -18.21 -12.49
CA SER A 68 -15.13 -18.01 -13.02
C SER A 68 -15.84 -16.90 -12.27
N GLY A 69 -16.82 -16.30 -12.94
CA GLY A 69 -17.64 -15.25 -12.34
C GLY A 69 -19.11 -15.54 -12.55
N SER A 70 -19.92 -15.09 -11.61
CA SER A 70 -21.37 -15.28 -11.66
CA SER A 70 -21.37 -15.25 -11.71
C SER A 70 -22.07 -14.14 -10.93
N GLY A 71 -23.38 -14.04 -11.10
CA GLY A 71 -24.16 -13.07 -10.36
C GLY A 71 -25.09 -12.26 -11.23
N SER A 72 -25.94 -11.47 -10.60
CA SER A 72 -26.79 -10.54 -11.33
C SER A 72 -27.30 -9.42 -10.42
N GLY A 73 -27.57 -8.27 -11.04
CA GLY A 73 -28.16 -7.14 -10.33
C GLY A 73 -27.14 -6.51 -9.39
N THR A 74 -27.26 -6.87 -8.11
CA THR A 74 -26.47 -6.24 -7.04
C THR A 74 -25.59 -7.23 -6.29
N ASP A 75 -25.58 -8.48 -6.74
CA ASP A 75 -24.88 -9.55 -6.04
C ASP A 75 -24.02 -10.37 -7.00
N PHE A 76 -22.72 -10.38 -6.75
CA PHE A 76 -21.74 -11.02 -7.65
C PHE A 76 -20.72 -11.87 -6.90
N THR A 77 -20.12 -12.83 -7.59
CA THR A 77 -19.12 -13.70 -6.98
C THR A 77 -18.05 -14.03 -8.01
N LEU A 78 -16.78 -13.97 -7.59
CA LEU A 78 -15.67 -14.60 -8.32
C LEU A 78 -15.26 -15.88 -7.62
N LYS A 79 -15.02 -16.94 -8.39
CA LYS A 79 -14.52 -18.21 -7.86
C LYS A 79 -13.20 -18.62 -8.48
N ILE A 80 -12.40 -19.35 -7.70
CA ILE A 80 -11.21 -20.06 -8.17
C ILE A 80 -11.34 -21.49 -7.64
N SER A 81 -11.40 -22.47 -8.53
CA SER A 81 -11.59 -23.88 -8.15
C SER A 81 -10.41 -24.46 -7.37
N ARG A 82 -9.20 -24.24 -7.90
CA ARG A 82 -7.97 -24.62 -7.22
C ARG A 82 -7.06 -23.41 -7.28
N VAL A 83 -6.68 -22.89 -6.13
CA VAL A 83 -5.77 -21.74 -6.06
C VAL A 83 -4.34 -22.20 -6.38
N GLU A 84 -3.65 -21.45 -7.23
CA GLU A 84 -2.21 -21.66 -7.45
C GLU A 84 -1.39 -20.44 -7.05
N ALA A 85 -0.09 -20.66 -6.92
CA ALA A 85 0.86 -19.63 -6.51
C ALA A 85 0.68 -18.26 -7.20
N GLU A 86 0.42 -18.28 -8.51
CA GLU A 86 0.28 -17.04 -9.29
C GLU A 86 -1.01 -16.27 -8.95
N ASP A 87 -1.96 -16.91 -8.29
CA ASP A 87 -3.28 -16.29 -8.04
C ASP A 87 -3.29 -15.28 -6.88
N LEU A 88 -2.26 -15.33 -6.05
CA LEU A 88 -2.15 -14.51 -4.84
C LEU A 88 -1.96 -13.04 -5.16
N GLY A 89 -2.88 -12.20 -4.68
CA GLY A 89 -2.80 -10.78 -4.91
C GLY A 89 -4.04 -10.06 -4.42
N VAL A 90 -4.30 -8.89 -4.97
CA VAL A 90 -5.46 -8.11 -4.59
C VAL A 90 -6.47 -8.16 -5.70
N TYR A 91 -7.66 -8.66 -5.37
CA TYR A 91 -8.76 -8.76 -6.30
C TYR A 91 -9.70 -7.62 -6.05
N TYR A 92 -10.11 -6.94 -7.11
CA TYR A 92 -11.12 -5.85 -7.04
C TYR A 92 -12.28 -6.19 -7.93
N CYS A 93 -13.50 -6.01 -7.46
CA CYS A 93 -14.61 -5.95 -8.40
C CYS A 93 -14.76 -4.49 -8.84
N PHE A 94 -15.50 -4.27 -9.92
CA PHE A 94 -15.58 -2.96 -10.52
C PHE A 94 -16.86 -2.86 -11.31
N GLN A 95 -17.56 -1.73 -11.17
CA GLN A 95 -18.73 -1.45 -12.00
C GLN A 95 -18.41 -0.34 -13.00
N GLY A 96 -18.86 -0.51 -14.24
CA GLY A 96 -18.57 0.47 -15.28
C GLY A 96 -19.80 0.95 -16.01
N SER A 97 -20.97 0.89 -15.36
CA SER A 97 -22.26 1.31 -15.92
C SER A 97 -22.62 2.72 -15.48
N HIS A 98 -22.30 3.06 -14.24
CA HIS A 98 -22.63 4.38 -13.68
C HIS A 98 -21.41 5.23 -13.37
N VAL A 99 -21.63 6.54 -13.48
CA VAL A 99 -20.64 7.57 -13.19
C VAL A 99 -20.86 8.11 -11.76
N PRO A 100 -19.81 8.04 -10.93
CA PRO A 100 -18.47 7.58 -11.31
C PRO A 100 -18.26 6.07 -11.30
N LEU A 101 -17.23 5.62 -12.03
CA LEU A 101 -16.91 4.21 -12.06
C LEU A 101 -16.24 3.89 -10.73
N THR A 102 -16.66 2.79 -10.13
CA THR A 102 -16.21 2.49 -8.78
C THR A 102 -15.68 1.08 -8.64
N PHE A 103 -14.57 0.97 -7.93
CA PHE A 103 -13.99 -0.31 -7.54
C PHE A 103 -14.38 -0.60 -6.09
N GLY A 104 -14.49 -1.88 -5.75
CA GLY A 104 -14.55 -2.25 -4.34
C GLY A 104 -13.21 -1.96 -3.71
N ALA A 105 -13.13 -2.14 -2.39
CA ALA A 105 -11.96 -1.83 -1.58
C ALA A 105 -10.76 -2.75 -1.82
N GLY A 106 -10.98 -3.90 -2.44
CA GLY A 106 -9.89 -4.83 -2.69
C GLY A 106 -9.84 -5.99 -1.72
N THR A 107 -9.61 -7.19 -2.25
CA THR A 107 -9.53 -8.39 -1.42
C THR A 107 -8.17 -9.08 -1.54
N LYS A 108 -7.44 -9.10 -0.43
CA LYS A 108 -6.16 -9.76 -0.40
C LYS A 108 -6.35 -11.26 -0.34
N LEU A 109 -5.96 -11.93 -1.41
CA LEU A 109 -5.93 -13.39 -1.41
C LEU A 109 -4.54 -13.76 -0.92
N GLU A 110 -4.47 -14.36 0.26
CA GLU A 110 -3.21 -14.65 0.93
C GLU A 110 -3.06 -16.12 1.27
N LEU A 111 -1.85 -16.51 1.67
CA LEU A 111 -1.51 -17.91 1.93
C LEU A 111 -1.82 -18.33 3.37
N LYS A 112 -2.17 -19.61 3.55
CA LYS A 112 -2.29 -20.19 4.90
C LYS A 112 -1.03 -20.91 5.30
N ARG A 113 -0.72 -20.83 6.59
CA ARG A 113 0.35 -21.62 7.20
C ARG A 113 -0.01 -21.95 8.65
N ALA A 114 0.83 -22.74 9.31
CA ALA A 114 0.65 -23.02 10.74
C ALA A 114 0.74 -21.72 11.53
N ASP A 115 -0.04 -21.63 12.60
CA ASP A 115 0.04 -20.49 13.51
C ASP A 115 1.46 -20.27 14.01
N ALA A 116 1.83 -19.00 14.22
CA ALA A 116 3.15 -18.62 14.73
C ALA A 116 3.02 -17.42 15.64
N ALA A 117 3.53 -17.55 16.87
CA ALA A 117 3.50 -16.45 17.83
C ALA A 117 4.53 -15.37 17.48
N PRO A 118 4.18 -14.09 17.72
CA PRO A 118 5.15 -13.01 17.46
C PRO A 118 6.38 -13.05 18.39
N THR A 119 7.52 -12.65 17.84
CA THR A 119 8.71 -12.32 18.64
C THR A 119 8.70 -10.80 18.86
N VAL A 120 8.63 -10.41 20.13
CA VAL A 120 8.46 -9.02 20.51
C VAL A 120 9.75 -8.47 21.14
N SER A 121 10.16 -7.29 20.67
CA SER A 121 11.36 -6.62 21.11
C SER A 121 11.00 -5.17 21.36
N ILE A 122 11.38 -4.65 22.53
CA ILE A 122 11.13 -3.25 22.87
C ILE A 122 12.45 -2.49 22.94
N PHE A 123 12.45 -1.27 22.39
CA PHE A 123 13.66 -0.45 22.40
C PHE A 123 13.42 0.93 22.98
N PRO A 124 14.18 1.27 24.02
CA PRO A 124 14.19 2.60 24.63
C PRO A 124 14.75 3.61 23.65
N PRO A 125 14.44 4.90 23.86
CA PRO A 125 15.05 5.95 23.02
C PRO A 125 16.56 5.82 23.00
N SER A 126 17.15 6.11 21.83
CA SER A 126 18.59 6.11 21.69
C SER A 126 19.21 7.32 22.42
N SER A 127 20.49 7.18 22.75
CA SER A 127 21.25 8.28 23.30
C SER A 127 21.26 9.43 22.30
N GLU A 128 21.36 9.07 21.01
CA GLU A 128 21.31 10.03 19.91
C GLU A 128 20.02 10.83 19.91
N GLN A 129 18.88 10.16 20.05
CA GLN A 129 17.62 10.86 19.95
C GLN A 129 17.40 11.80 21.13
N LEU A 130 17.72 11.32 22.32
CA LEU A 130 17.58 12.09 23.55
C LEU A 130 18.44 13.36 23.50
N THR A 131 19.67 13.21 23.03
CA THR A 131 20.56 14.34 22.85
C THR A 131 19.86 15.46 22.06
N SER A 132 19.12 15.11 21.01
CA SER A 132 18.45 16.14 20.19
C SER A 132 16.99 16.46 20.59
N GLY A 133 16.58 16.06 21.78
CA GLY A 133 15.31 16.51 22.34
C GLY A 133 14.08 15.65 22.12
N GLY A 134 14.26 14.51 21.44
CA GLY A 134 13.13 13.63 21.14
C GLY A 134 13.19 12.34 21.91
N ALA A 135 12.05 11.64 22.01
CA ALA A 135 12.00 10.34 22.68
C ALA A 135 11.01 9.34 22.07
N SER A 136 11.54 8.45 21.23
CA SER A 136 10.75 7.37 20.62
C SER A 136 11.03 6.04 21.29
N VAL A 137 9.96 5.31 21.55
CA VAL A 137 10.06 3.92 21.99
C VAL A 137 9.52 3.02 20.87
N VAL A 138 10.31 2.03 20.48
CA VAL A 138 9.98 1.19 19.33
C VAL A 138 9.69 -0.23 19.78
N CYS A 139 8.69 -0.84 19.16
CA CYS A 139 8.40 -2.24 19.39
C CYS A 139 8.29 -2.98 18.08
N PHE A 140 9.16 -3.98 17.90
CA PHE A 140 9.06 -4.88 16.77
C PHE A 140 8.31 -6.13 17.17
N LEU A 141 7.31 -6.50 16.36
CA LEU A 141 6.53 -7.72 16.55
C LEU A 141 6.69 -8.55 15.28
N ASN A 142 7.52 -9.60 15.38
CA ASN A 142 8.06 -10.28 14.20
C ASN A 142 7.62 -11.71 13.99
N ASN A 143 7.42 -12.06 12.72
CA ASN A 143 7.13 -13.44 12.24
C ASN A 143 5.95 -14.13 12.90
N PHE A 144 4.78 -13.50 12.84
CA PHE A 144 3.58 -14.12 13.39
C PHE A 144 2.61 -14.56 12.30
N TYR A 145 1.79 -15.55 12.67
CA TYR A 145 0.65 -15.97 11.87
C TYR A 145 -0.50 -16.45 12.76
N PRO A 146 -1.75 -16.00 12.49
CA PRO A 146 -2.21 -15.13 11.39
C PRO A 146 -1.95 -13.65 11.65
N LYS A 147 -2.32 -12.80 10.68
CA LYS A 147 -1.92 -11.40 10.67
C LYS A 147 -2.61 -10.51 11.70
N ASP A 148 -3.68 -11.02 12.32
CA ASP A 148 -4.46 -10.25 13.29
C ASP A 148 -3.71 -10.16 14.62
N ILE A 149 -3.35 -8.93 15.02
CA ILE A 149 -2.65 -8.68 16.29
C ILE A 149 -3.13 -7.39 16.97
N ASN A 150 -3.25 -7.43 18.30
CA ASN A 150 -3.65 -6.27 19.10
C ASN A 150 -2.45 -5.71 19.85
N VAL A 151 -1.92 -4.57 19.40
CA VAL A 151 -0.81 -3.91 20.09
C VAL A 151 -1.26 -2.70 20.91
N LYS A 152 -0.79 -2.67 22.16
CA LYS A 152 -1.08 -1.59 23.11
C LYS A 152 0.21 -1.08 23.74
N TRP A 153 0.31 0.24 23.85
CA TRP A 153 1.40 0.93 24.55
C TRP A 153 0.95 1.32 25.94
N LYS A 154 1.77 1.00 26.92
CA LYS A 154 1.46 1.32 28.31
C LYS A 154 2.61 2.10 28.94
N ILE A 155 2.27 3.23 29.53
CA ILE A 155 3.23 4.08 30.26
C ILE A 155 2.71 4.22 31.68
N ASP A 156 3.54 3.82 32.64
CA ASP A 156 3.13 3.68 34.04
C ASP A 156 1.79 2.97 34.19
N GLY A 157 1.68 1.82 33.51
CA GLY A 157 0.52 0.95 33.65
C GLY A 157 -0.63 1.26 32.71
N SER A 158 -0.89 2.55 32.49
CA SER A 158 -2.04 2.99 31.68
C SER A 158 -1.77 3.12 30.17
N GLU A 159 -2.81 2.81 29.39
CA GLU A 159 -2.79 2.84 27.92
C GLU A 159 -2.47 4.19 27.33
N ARG A 160 -1.75 4.20 26.21
CA ARG A 160 -1.39 5.43 25.53
C ARG A 160 -1.70 5.37 24.03
N GLN A 161 -2.50 6.33 23.57
CA GLN A 161 -2.97 6.34 22.19
C GLN A 161 -2.21 7.31 21.28
N ASN A 162 -1.98 8.52 21.77
CA ASN A 162 -1.36 9.59 20.96
C ASN A 162 0.14 9.42 20.70
N GLY A 163 0.57 9.82 19.50
CA GLY A 163 1.98 9.78 19.13
C GLY A 163 2.49 8.42 18.71
N VAL A 164 1.57 7.53 18.33
CA VAL A 164 1.90 6.16 17.90
C VAL A 164 1.82 6.05 16.37
N LEU A 165 2.86 5.46 15.77
CA LEU A 165 2.87 5.19 14.35
C LEU A 165 3.22 3.74 14.12
N ASN A 166 2.44 3.08 13.27
CA ASN A 166 2.59 1.65 12.97
C ASN A 166 2.96 1.39 11.53
N SER A 167 3.79 0.38 11.31
CA SER A 167 4.11 -0.07 9.97
C SER A 167 4.06 -1.61 9.91
N TRP A 168 3.43 -2.12 8.87
CA TRP A 168 3.27 -3.57 8.68
C TRP A 168 3.95 -4.00 7.41
N THR A 169 4.64 -5.14 7.42
CA THR A 169 5.12 -5.75 6.18
C THR A 169 4.01 -6.53 5.48
N ASP A 170 4.17 -6.78 4.17
CA ASP A 170 3.35 -7.77 3.47
C ASP A 170 3.72 -9.17 3.93
N GLN A 171 2.87 -10.15 3.65
CA GLN A 171 3.15 -11.55 3.96
C GLN A 171 4.53 -11.96 3.46
N ASP A 172 5.32 -12.55 4.35
CA ASP A 172 6.70 -12.86 4.04
C ASP A 172 6.83 -13.92 2.93
N SER A 173 7.64 -13.62 1.90
CA SER A 173 7.81 -14.58 0.79
C SER A 173 8.44 -15.91 1.25
N LYS A 174 9.32 -15.87 2.24
CA LYS A 174 10.00 -17.07 2.72
C LYS A 174 9.10 -17.93 3.62
N ASP A 175 8.65 -17.39 4.74
CA ASP A 175 7.96 -18.21 5.74
C ASP A 175 6.44 -17.99 5.87
N SER A 176 5.91 -17.05 5.08
CA SER A 176 4.47 -16.70 5.04
C SER A 176 3.93 -16.01 6.30
N THR A 177 4.83 -15.46 7.10
CA THR A 177 4.44 -14.76 8.30
C THR A 177 4.28 -13.27 8.05
N TYR A 178 3.84 -12.58 9.10
CA TYR A 178 3.62 -11.14 9.12
C TYR A 178 4.49 -10.52 10.19
N SER A 179 4.88 -9.27 9.93
CA SER A 179 5.66 -8.48 10.88
C SER A 179 5.11 -7.07 11.03
N MET A 180 5.39 -6.49 12.19
CA MET A 180 4.87 -5.20 12.55
C MET A 180 5.91 -4.44 13.37
N SER A 181 5.99 -3.13 13.11
CA SER A 181 6.78 -2.21 13.92
C SER A 181 5.84 -1.13 14.46
N SER A 182 6.02 -0.78 15.73
CA SER A 182 5.25 0.28 16.36
C SER A 182 6.19 1.23 17.08
N THR A 183 6.04 2.53 16.82
CA THR A 183 6.86 3.57 17.45
C THR A 183 5.96 4.54 18.21
N LEU A 184 6.28 4.73 19.49
CA LEU A 184 5.61 5.72 20.33
C LEU A 184 6.55 6.90 20.54
N THR A 185 6.18 8.07 20.01
CA THR A 185 7.05 9.25 20.06
C THR A 185 6.56 10.29 21.06
N LEU A 186 7.45 10.58 22.01
CA LEU A 186 7.22 11.60 23.02
C LEU A 186 8.33 12.65 22.96
N THR A 187 8.04 13.82 23.52
CA THR A 187 9.07 14.82 23.77
C THR A 187 9.97 14.26 24.88
N LYS A 188 11.22 14.71 24.94
CA LYS A 188 12.16 14.22 25.97
C LYS A 188 11.65 14.49 27.39
N ASP A 189 11.04 15.65 27.59
CA ASP A 189 10.50 16.04 28.90
C ASP A 189 9.38 15.11 29.37
N GLU A 190 8.51 14.73 28.44
CA GLU A 190 7.42 13.78 28.71
C GLU A 190 7.97 12.41 29.08
N TYR A 191 8.97 11.97 28.30
CA TYR A 191 9.65 10.71 28.56
C TYR A 191 10.26 10.60 29.95
N GLU A 192 10.87 11.68 30.43
CA GLU A 192 11.52 11.67 31.75
C GLU A 192 10.53 11.92 32.89
N ARG A 193 9.28 12.17 32.54
CA ARG A 193 8.22 12.34 33.51
C ARG A 193 7.66 10.97 33.96
N HIS A 194 8.04 9.91 33.26
CA HIS A 194 7.48 8.58 33.47
C HIS A 194 8.58 7.52 33.49
N ASN A 195 8.34 6.38 34.13
CA ASN A 195 9.40 5.38 34.29
C ASN A 195 9.18 4.06 33.56
N SER A 196 7.95 3.56 33.59
CA SER A 196 7.62 2.22 33.10
C SER A 196 7.04 2.27 31.70
N TYR A 197 7.71 1.61 30.76
CA TYR A 197 7.28 1.59 29.38
C TYR A 197 7.04 0.18 28.92
N THR A 198 5.86 -0.05 28.33
CA THR A 198 5.43 -1.38 27.95
C THR A 198 4.82 -1.43 26.55
N CYS A 199 5.29 -2.42 25.79
CA CYS A 199 4.66 -2.84 24.55
C CYS A 199 3.95 -4.16 24.84
N GLU A 200 2.63 -4.18 24.64
CA GLU A 200 1.81 -5.36 24.92
C GLU A 200 1.07 -5.81 23.67
N ALA A 201 1.18 -7.11 23.36
CA ALA A 201 0.51 -7.67 22.19
C ALA A 201 -0.34 -8.90 22.50
N THR A 202 -1.57 -8.90 21.98
CA THR A 202 -2.40 -10.11 22.01
C THR A 202 -2.61 -10.69 20.60
N HIS A 203 -2.42 -12.00 20.50
CA HIS A 203 -2.44 -12.75 19.25
C HIS A 203 -3.16 -14.07 19.55
N LYS A 204 -3.79 -14.66 18.54
CA LYS A 204 -4.59 -15.86 18.80
C LYS A 204 -3.79 -17.04 19.36
N THR A 205 -2.46 -16.96 19.29
CA THR A 205 -1.58 -18.03 19.77
C THR A 205 -1.48 -18.20 21.30
N SER A 206 -1.84 -17.17 22.06
CA SER A 206 -2.07 -17.34 23.51
C SER A 206 -3.20 -16.47 24.07
N THR A 207 -3.75 -16.87 25.20
CA THR A 207 -4.87 -16.15 25.83
C THR A 207 -4.40 -14.98 26.69
N SER A 208 -3.09 -14.96 26.97
CA SER A 208 -2.45 -13.90 27.75
C SER A 208 -1.53 -13.08 26.85
N PRO A 209 -1.59 -11.75 26.98
CA PRO A 209 -0.81 -10.86 26.10
C PRO A 209 0.70 -11.03 26.27
N ILE A 210 1.46 -10.90 25.20
CA ILE A 210 2.92 -10.90 25.30
C ILE A 210 3.34 -9.53 25.79
N VAL A 211 4.04 -9.49 26.93
CA VAL A 211 4.41 -8.24 27.56
C VAL A 211 5.92 -7.99 27.50
N LYS A 212 6.30 -6.87 26.89
CA LYS A 212 7.69 -6.45 26.88
C LYS A 212 7.78 -5.04 27.41
N SER A 213 8.74 -4.79 28.28
CA SER A 213 8.84 -3.54 29.00
C SER A 213 10.25 -3.26 29.52
N PHE A 214 10.50 -1.99 29.79
CA PHE A 214 11.73 -1.56 30.46
C PHE A 214 11.39 -0.42 31.40
N ASN A 215 12.30 -0.20 32.34
CA ASN A 215 12.20 0.90 33.28
C ASN A 215 13.27 1.95 32.99
N ARG A 216 12.83 3.17 32.70
CA ARG A 216 13.75 4.24 32.32
C ARG A 216 14.90 4.38 33.33
N ASN A 217 14.59 4.21 34.61
CA ASN A 217 15.59 4.35 35.66
C ASN A 217 16.70 3.29 35.65
N GLU A 218 16.49 2.21 34.90
CA GLU A 218 17.41 1.07 34.92
C GLU A 218 18.33 1.01 33.71
N YCM A 219 18.18 1.96 32.80
CA YCM A 219 18.85 1.98 31.49
CB YCM A 219 18.14 3.03 30.64
SG YCM A 219 16.93 2.32 29.56
CD YCM A 219 16.06 0.97 30.28
CE YCM A 219 16.81 -0.31 30.09
OZ1 YCM A 219 17.60 -0.45 29.17
NZ2 YCM A 219 16.58 -1.27 30.98
C YCM A 219 20.33 2.28 31.58
O YCM A 219 20.85 2.71 32.62
OXT YCM A 219 21.07 2.08 30.61
N GLN B 1 1.12 -3.94 -30.97
CA GLN B 1 1.26 -3.89 -29.49
C GLN B 1 0.81 -2.54 -28.97
N VAL B 2 -0.08 -2.56 -27.98
CA VAL B 2 -0.60 -1.32 -27.38
C VAL B 2 0.21 -0.90 -26.14
N THR B 3 0.69 0.35 -26.13
CA THR B 3 1.44 0.91 -25.00
C THR B 3 0.82 2.24 -24.53
N LEU B 4 1.01 2.54 -23.24
CA LEU B 4 0.49 3.75 -22.59
C LEU B 4 1.51 4.21 -21.55
N LYS B 5 2.04 5.42 -21.70
CA LYS B 5 3.05 5.93 -20.76
C LYS B 5 2.61 7.24 -20.11
N GLU B 6 2.48 7.20 -18.78
CA GLU B 6 2.19 8.39 -17.99
C GLU B 6 3.46 9.15 -17.65
N SER B 7 3.34 10.49 -17.64
CA SER B 7 4.39 11.40 -17.19
C SER B 7 3.79 12.52 -16.34
N GLY B 8 4.52 12.93 -15.32
CA GLY B 8 4.08 13.98 -14.40
C GLY B 8 5.29 14.62 -13.75
N PRO B 9 5.08 15.51 -12.76
CA PRO B 9 6.19 16.27 -12.15
C PRO B 9 6.93 15.53 -11.02
N GLY B 10 6.36 14.45 -10.51
CA GLY B 10 7.02 13.63 -9.48
C GLY B 10 6.74 14.05 -8.05
N ILE B 11 7.21 15.26 -7.69
CA ILE B 11 6.89 15.92 -6.42
C ILE B 11 6.28 17.29 -6.71
N LEU B 12 5.24 17.66 -5.96
CA LEU B 12 4.51 18.91 -6.12
C LEU B 12 4.07 19.45 -4.74
N LYS B 13 3.99 20.77 -4.60
CA LYS B 13 3.59 21.40 -3.33
C LYS B 13 2.07 21.58 -3.22
N PRO B 14 1.52 21.52 -2.00
CA PRO B 14 0.08 21.73 -1.81
C PRO B 14 -0.39 23.09 -2.36
N SER B 15 -1.55 23.08 -3.00
CA SER B 15 -2.21 24.25 -3.60
C SER B 15 -1.81 24.57 -5.04
N GLN B 16 -0.75 23.94 -5.54
CA GLN B 16 -0.38 24.12 -6.94
C GLN B 16 -1.00 23.09 -7.87
N THR B 17 -0.88 23.31 -9.17
CA THR B 17 -1.64 22.55 -10.16
C THR B 17 -0.89 21.33 -10.72
N LEU B 18 -1.53 20.16 -10.63
CA LEU B 18 -0.99 18.94 -11.22
C LEU B 18 -1.37 18.81 -12.69
N SER B 19 -0.37 18.55 -13.54
CA SER B 19 -0.56 18.35 -14.97
C SER B 19 0.00 16.99 -15.38
N LEU B 20 -0.86 16.11 -15.86
CA LEU B 20 -0.47 14.76 -16.25
C LEU B 20 -0.63 14.52 -17.74
N THR B 21 0.33 13.82 -18.31
CA THR B 21 0.33 13.50 -19.73
C THR B 21 0.36 11.99 -19.90
N CYS B 22 -0.56 11.47 -20.71
CA CYS B 22 -0.49 10.10 -21.21
C CYS B 22 -0.12 10.09 -22.69
N SER B 23 0.94 9.36 -23.00
CA SER B 23 1.34 9.14 -24.37
C SER B 23 1.18 7.67 -24.76
N PHE B 24 0.30 7.42 -25.72
CA PHE B 24 -0.02 6.05 -26.13
C PHE B 24 0.39 5.69 -27.57
N SER B 25 0.25 4.42 -27.91
CA SER B 25 0.55 3.94 -29.25
C SER B 25 -0.18 2.62 -29.51
N GLY B 26 -0.19 2.20 -30.77
CA GLY B 26 -0.85 0.97 -31.18
C GLY B 26 -2.36 1.12 -31.27
N PHE B 27 -2.83 2.38 -31.26
CA PHE B 27 -4.25 2.72 -31.44
C PHE B 27 -4.38 4.23 -31.56
N SER B 28 -5.51 4.68 -32.10
CA SER B 28 -5.76 6.10 -32.30
C SER B 28 -7.04 6.53 -31.61
N LEU B 29 -7.02 7.73 -31.05
CA LEU B 29 -8.21 8.26 -30.37
C LEU B 29 -9.15 8.93 -31.37
N SER B 30 -8.81 8.88 -32.66
CA SER B 30 -9.70 9.32 -33.71
C SER B 30 -10.61 8.18 -34.19
N THR B 31 -10.30 6.96 -33.76
CA THR B 31 -11.13 5.79 -34.02
C THR B 31 -12.41 5.96 -33.22
N SER B 32 -13.54 6.02 -33.91
CA SER B 32 -14.82 6.25 -33.24
C SER B 32 -15.16 5.05 -32.37
N GLY B 33 -15.49 5.32 -31.11
CA GLY B 33 -15.75 4.28 -30.13
C GLY B 33 -14.66 4.23 -29.09
N MET B 34 -13.53 4.86 -29.40
CA MET B 34 -12.32 4.82 -28.58
C MET B 34 -12.29 5.91 -27.52
N GLY B 35 -11.76 5.59 -26.34
CA GLY B 35 -11.55 6.57 -25.31
C GLY B 35 -10.35 6.29 -24.42
N VAL B 36 -9.83 7.34 -23.80
CA VAL B 36 -8.71 7.22 -22.84
C VAL B 36 -9.05 7.99 -21.57
N GLY B 37 -8.64 7.46 -20.42
CA GLY B 37 -8.92 8.08 -19.13
C GLY B 37 -7.89 7.81 -18.05
N TRP B 38 -8.24 8.19 -16.82
CA TRP B 38 -7.27 8.18 -15.71
C TRP B 38 -7.82 7.54 -14.43
N ILE B 39 -6.98 6.75 -13.77
CA ILE B 39 -7.31 6.12 -12.48
C ILE B 39 -6.12 6.34 -11.53
N ARG B 40 -6.38 6.66 -10.26
CA ARG B 40 -5.28 6.80 -9.29
C ARG B 40 -5.40 5.83 -8.13
N GLN B 41 -4.25 5.55 -7.50
CA GLN B 41 -4.19 4.65 -6.37
C GLN B 41 -3.15 5.12 -5.35
N PRO B 42 -3.61 5.64 -4.20
CA PRO B 42 -2.69 5.97 -3.11
C PRO B 42 -1.91 4.73 -2.66
N SER B 43 -0.62 4.89 -2.36
CA SER B 43 0.20 3.77 -1.88
C SER B 43 -0.53 3.01 -0.77
N GLY B 44 -0.66 1.70 -0.97
CA GLY B 44 -1.35 0.80 -0.03
C GLY B 44 -2.85 1.04 0.12
N LYS B 45 -3.49 1.56 -0.93
CA LYS B 45 -4.92 1.85 -0.86
C LYS B 45 -5.61 1.39 -2.15
N GLY B 46 -6.94 1.49 -2.18
CA GLY B 46 -7.71 1.06 -3.32
C GLY B 46 -7.60 2.00 -4.51
N LEU B 47 -8.16 1.56 -5.63
CA LEU B 47 -8.17 2.33 -6.86
C LEU B 47 -9.38 3.27 -6.88
N GLU B 48 -9.17 4.48 -7.41
CA GLU B 48 -10.22 5.49 -7.59
C GLU B 48 -10.16 6.02 -9.02
N TRP B 49 -11.28 5.98 -9.72
CA TRP B 49 -11.37 6.48 -11.10
C TRP B 49 -11.55 8.00 -11.15
N LEU B 50 -10.95 8.64 -12.14
CA LEU B 50 -10.92 10.10 -12.15
C LEU B 50 -11.77 10.70 -13.28
N ALA B 51 -11.39 10.38 -14.51
CA ALA B 51 -12.03 10.97 -15.69
C ALA B 51 -11.79 10.10 -16.92
N HIS B 52 -12.69 10.22 -17.90
CA HIS B 52 -12.54 9.55 -19.20
C HIS B 52 -12.90 10.51 -20.34
N ILE B 53 -12.10 10.52 -21.39
CA ILE B 53 -12.38 11.34 -22.57
C ILE B 53 -12.56 10.48 -23.82
N TRP B 54 -13.57 10.83 -24.63
CA TRP B 54 -13.89 10.05 -25.81
C TRP B 54 -13.34 10.65 -27.10
N TRP B 55 -13.28 9.81 -28.13
CA TRP B 55 -12.93 10.22 -29.49
C TRP B 55 -13.58 11.52 -29.92
N ASP B 56 -14.85 11.72 -29.55
CA ASP B 56 -15.64 12.89 -29.92
C ASP B 56 -15.71 14.02 -28.86
N ASP B 57 -14.80 13.98 -27.89
CA ASP B 57 -14.66 15.02 -26.84
C ASP B 57 -15.79 15.08 -25.78
N ASP B 58 -16.65 14.07 -25.78
CA ASP B 58 -17.51 13.82 -24.64
C ASP B 58 -16.63 13.31 -23.51
N ARG B 59 -16.90 13.78 -22.29
CA ARG B 59 -16.18 13.29 -21.10
C ARG B 59 -17.09 12.97 -19.93
N SER B 60 -16.55 12.12 -19.06
CA SER B 60 -17.08 11.91 -17.73
C SER B 60 -16.00 12.22 -16.71
N TYR B 61 -16.41 12.90 -15.64
CA TYR B 61 -15.58 13.16 -14.47
C TYR B 61 -16.17 12.48 -13.24
N ASN B 62 -15.29 12.16 -12.29
CA ASN B 62 -15.69 11.84 -10.93
C ASN B 62 -16.28 13.11 -10.32
N PRO B 63 -17.61 13.12 -10.05
CA PRO B 63 -18.34 14.34 -9.64
C PRO B 63 -17.85 14.96 -8.33
N SER B 64 -17.18 14.16 -7.50
CA SER B 64 -16.67 14.64 -6.20
C SER B 64 -15.43 15.52 -6.37
N LEU B 65 -14.84 15.45 -7.57
CA LEU B 65 -13.61 16.16 -7.90
C LEU B 65 -13.75 17.09 -9.13
N LYS B 66 -14.99 17.34 -9.56
CA LYS B 66 -15.21 17.96 -10.87
C LYS B 66 -14.74 19.40 -10.99
N SER B 67 -14.73 20.13 -9.87
CA SER B 67 -14.28 21.52 -9.83
C SER B 67 -12.76 21.62 -9.94
N GLN B 68 -12.08 20.51 -9.69
CA GLN B 68 -10.62 20.41 -9.74
C GLN B 68 -10.10 19.79 -11.04
N LEU B 69 -10.96 19.08 -11.77
CA LEU B 69 -10.52 18.23 -12.87
C LEU B 69 -10.84 18.79 -14.24
N THR B 70 -9.88 18.63 -15.15
CA THR B 70 -10.06 18.99 -16.55
C THR B 70 -9.31 17.94 -17.35
N ILE B 71 -10.01 17.26 -18.25
CA ILE B 71 -9.42 16.27 -19.13
C ILE B 71 -9.46 16.76 -20.58
N SER B 72 -8.40 16.47 -21.34
CA SER B 72 -8.26 16.97 -22.71
C SER B 72 -7.42 16.01 -23.52
N LYS B 73 -7.42 16.19 -24.83
CA LYS B 73 -6.71 15.28 -25.71
C LYS B 73 -6.00 15.99 -26.84
N ASP B 74 -5.06 15.28 -27.46
CA ASP B 74 -4.48 15.68 -28.74
C ASP B 74 -4.41 14.39 -29.56
N THR B 75 -5.44 14.16 -30.36
CA THR B 75 -5.57 12.93 -31.14
C THR B 75 -4.45 12.78 -32.17
N SER B 76 -3.97 13.91 -32.70
CA SER B 76 -2.90 13.92 -33.69
C SER B 76 -1.56 13.50 -33.10
N ARG B 77 -1.37 13.73 -31.81
CA ARG B 77 -0.11 13.46 -31.13
C ARG B 77 -0.15 12.17 -30.29
N ASN B 78 -1.32 11.55 -30.21
CA ASN B 78 -1.52 10.37 -29.37
C ASN B 78 -1.31 10.67 -27.88
N GLN B 79 -1.93 11.74 -27.41
CA GLN B 79 -1.76 12.16 -26.04
C GLN B 79 -3.09 12.55 -25.43
N VAL B 80 -3.19 12.35 -24.12
CA VAL B 80 -4.34 12.76 -23.32
C VAL B 80 -3.76 13.40 -22.07
N PHE B 81 -4.42 14.45 -21.59
CA PHE B 81 -3.94 15.24 -20.46
C PHE B 81 -4.97 15.33 -19.34
N LEU B 82 -4.47 15.37 -18.11
CA LEU B 82 -5.31 15.60 -16.96
C LEU B 82 -4.73 16.70 -16.09
N ARG B 83 -5.58 17.67 -15.73
CA ARG B 83 -5.19 18.78 -14.86
C ARG B 83 -6.00 18.75 -13.56
N ILE B 84 -5.29 18.73 -12.44
CA ILE B 84 -5.94 18.79 -11.14
C ILE B 84 -5.45 20.03 -10.40
N THR B 85 -6.35 20.99 -10.24
CA THR B 85 -6.01 22.27 -9.65
C THR B 85 -6.01 22.19 -8.12
N SER B 86 -5.19 23.05 -7.51
CA SER B 86 -5.01 23.12 -6.05
C SER B 86 -5.03 21.78 -5.32
N VAL B 87 -3.98 20.99 -5.57
CA VAL B 87 -3.83 19.67 -4.97
C VAL B 87 -3.50 19.75 -3.48
N ASP B 88 -3.69 18.64 -2.77
CA ASP B 88 -3.29 18.54 -1.37
C ASP B 88 -2.68 17.14 -1.14
N THR B 89 -2.13 16.90 0.04
CA THR B 89 -1.37 15.66 0.31
C THR B 89 -2.16 14.37 0.01
N ALA B 90 -3.49 14.45 0.03
CA ALA B 90 -4.35 13.30 -0.28
C ALA B 90 -4.39 12.97 -1.78
N ASP B 91 -3.92 13.92 -2.60
CA ASP B 91 -3.79 13.72 -4.03
C ASP B 91 -2.48 12.99 -4.38
N THR B 92 -1.69 12.63 -3.36
CA THR B 92 -0.49 11.78 -3.51
C THR B 92 -0.92 10.36 -3.88
N ALA B 93 -0.39 9.85 -4.99
CA ALA B 93 -0.85 8.58 -5.54
C ALA B 93 -0.06 8.17 -6.78
N THR B 94 -0.24 6.91 -7.17
CA THR B 94 0.20 6.45 -8.47
C THR B 94 -0.91 6.73 -9.46
N TYR B 95 -0.60 7.46 -10.53
CA TYR B 95 -1.61 7.79 -11.53
C TYR B 95 -1.46 6.94 -12.79
N TYR B 96 -2.46 6.12 -13.05
CA TYR B 96 -2.53 5.24 -14.21
C TYR B 96 -3.26 5.83 -15.40
N CYS B 97 -2.66 5.67 -16.58
CA CYS B 97 -3.35 5.92 -17.84
C CYS B 97 -3.96 4.62 -18.36
N VAL B 98 -5.26 4.66 -18.70
CA VAL B 98 -6.02 3.48 -19.15
C VAL B 98 -6.82 3.75 -20.43
N ARG B 99 -6.88 2.74 -21.30
CA ARG B 99 -7.73 2.76 -22.50
C ARG B 99 -9.08 2.09 -22.20
N ARG B 100 -10.15 2.62 -22.77
CA ARG B 100 -11.46 1.97 -22.68
C ARG B 100 -12.32 2.39 -23.86
N ALA B 101 -12.94 1.43 -24.53
CA ALA B 101 -13.81 1.72 -25.66
C ALA B 101 -15.26 1.62 -25.23
N HIS B 102 -16.17 2.12 -26.07
CA HIS B 102 -17.59 1.95 -25.80
C HIS B 102 -18.31 1.08 -26.83
N THR B 103 -17.54 0.24 -27.51
CA THR B 103 -18.03 -0.79 -28.42
C THR B 103 -17.33 -2.10 -28.09
N THR B 104 -18.00 -3.22 -28.42
CA THR B 104 -17.50 -4.57 -28.10
C THR B 104 -16.19 -4.90 -28.82
N VAL B 105 -16.14 -4.52 -30.09
CA VAL B 105 -15.03 -4.86 -30.99
C VAL B 105 -13.73 -4.24 -30.51
N LEU B 106 -13.82 -3.01 -29.99
CA LEU B 106 -12.67 -2.21 -29.63
C LEU B 106 -12.23 -2.40 -28.17
N GLY B 107 -13.01 -3.15 -27.40
CA GLY B 107 -12.65 -3.48 -26.03
C GLY B 107 -13.22 -2.55 -24.98
N ASP B 108 -14.41 -2.88 -24.49
CA ASP B 108 -15.12 -2.09 -23.48
C ASP B 108 -14.80 -2.62 -22.08
N TRP B 109 -13.68 -2.16 -21.53
CA TRP B 109 -13.06 -2.76 -20.34
C TRP B 109 -11.68 -2.14 -20.09
N PHE B 110 -11.12 -2.37 -18.91
CA PHE B 110 -9.81 -1.80 -18.61
C PHE B 110 -8.72 -2.85 -18.82
N ALA B 111 -8.48 -3.21 -20.08
CA ALA B 111 -7.47 -4.21 -20.44
C ALA B 111 -6.05 -3.67 -20.47
N TYR B 112 -5.91 -2.45 -20.99
CA TYR B 112 -4.61 -1.80 -21.14
C TYR B 112 -4.43 -0.67 -20.13
N TRP B 113 -3.40 -0.84 -19.32
CA TRP B 113 -3.00 0.06 -18.26
C TRP B 113 -1.54 0.39 -18.49
N GLY B 114 -1.20 1.67 -18.37
CA GLY B 114 0.19 2.06 -18.25
C GLY B 114 0.76 1.59 -16.93
N GLN B 115 2.07 1.76 -16.76
CA GLN B 115 2.78 1.31 -15.58
C GLN B 115 2.56 2.28 -14.42
N GLY B 116 1.95 3.41 -14.72
CA GLY B 116 1.58 4.40 -13.71
C GLY B 116 2.72 5.35 -13.40
N THR B 117 2.36 6.53 -12.91
CA THR B 117 3.34 7.54 -12.55
C THR B 117 3.10 8.00 -11.10
N LEU B 118 4.12 7.94 -10.26
CA LEU B 118 3.97 8.40 -8.88
C LEU B 118 4.06 9.92 -8.77
N VAL B 119 3.03 10.52 -8.17
CA VAL B 119 3.00 11.94 -7.82
C VAL B 119 2.95 12.08 -6.28
N THR B 120 3.90 12.80 -5.71
CA THR B 120 3.89 13.09 -4.28
C THR B 120 3.60 14.56 -4.05
N VAL B 121 2.60 14.85 -3.23
CA VAL B 121 2.21 16.23 -2.94
C VAL B 121 2.63 16.58 -1.51
N SER B 122 3.64 17.45 -1.40
CA SER B 122 4.27 17.76 -0.11
C SER B 122 4.91 19.15 -0.08
N ALA B 123 4.75 19.84 1.05
CA ALA B 123 5.41 21.13 1.26
C ALA B 123 6.83 20.97 1.83
N ALA B 124 7.20 19.75 2.20
CA ALA B 124 8.51 19.48 2.82
C ALA B 124 9.68 19.87 1.92
N LYS B 125 10.80 20.23 2.56
CA LYS B 125 12.05 20.44 1.83
C LYS B 125 12.95 19.22 2.02
N THR B 126 13.98 19.10 1.19
CA THR B 126 14.93 18.00 1.31
C THR B 126 15.52 17.99 2.71
N THR B 127 15.24 16.92 3.44
CA THR B 127 15.67 16.80 4.84
C THR B 127 16.37 15.46 5.06
N ALA B 128 17.56 15.52 5.63
CA ALA B 128 18.34 14.32 5.91
C ALA B 128 17.75 13.60 7.11
N PRO B 129 17.79 12.25 7.09
CA PRO B 129 17.27 11.48 8.21
C PRO B 129 18.09 11.62 9.48
N SER B 130 17.42 11.57 10.62
CA SER B 130 18.07 11.30 11.88
C SER B 130 18.09 9.79 12.05
N VAL B 131 19.30 9.22 12.10
CA VAL B 131 19.47 7.77 12.24
C VAL B 131 19.81 7.41 13.68
N TYR B 132 18.98 6.57 14.27
CA TYR B 132 19.09 6.20 15.68
C TYR B 132 19.29 4.69 15.87
N PRO B 133 20.40 4.30 16.51
CA PRO B 133 20.66 2.90 16.79
C PRO B 133 19.82 2.43 17.98
N LEU B 134 19.15 1.30 17.83
CA LEU B 134 18.29 0.76 18.87
C LEU B 134 18.92 -0.47 19.48
N ALA B 135 19.41 -0.30 20.70
CA ALA B 135 20.11 -1.35 21.43
C ALA B 135 19.13 -2.12 22.32
N PRO B 136 19.33 -3.44 22.46
CA PRO B 136 18.51 -4.22 23.40
C PRO B 136 18.43 -3.59 24.79
N VAL B 137 17.28 -3.75 25.45
CA VAL B 137 17.15 -3.33 26.85
C VAL B 137 18.14 -4.11 27.75
N CYS B 138 18.70 -3.44 28.76
CA CYS B 138 19.78 -3.99 29.61
C CYS B 138 19.69 -5.50 29.85
N SER B 144 18.70 -17.34 22.76
CA SER B 144 19.91 -17.73 22.04
C SER B 144 20.19 -16.85 20.82
N SER B 145 19.22 -16.00 20.45
CA SER B 145 19.41 -15.01 19.40
C SER B 145 18.93 -13.64 19.88
N VAL B 146 19.66 -12.59 19.52
CA VAL B 146 19.35 -11.24 19.98
C VAL B 146 18.81 -10.35 18.85
N THR B 147 17.88 -9.46 19.17
CA THR B 147 17.31 -8.54 18.19
C THR B 147 17.81 -7.11 18.37
N LEU B 148 18.30 -6.52 17.30
CA LEU B 148 18.79 -5.15 17.30
C LEU B 148 17.92 -4.33 16.36
N GLY B 149 18.01 -3.02 16.44
CA GLY B 149 17.14 -2.19 15.62
C GLY B 149 17.75 -0.90 15.13
N CYS B 150 17.08 -0.30 14.16
CA CYS B 150 17.45 1.00 13.62
C CYS B 150 16.19 1.81 13.34
N LEU B 151 16.19 3.06 13.80
CA LEU B 151 15.07 3.97 13.54
C LEU B 151 15.58 5.11 12.67
N VAL B 152 14.94 5.30 11.51
CA VAL B 152 15.33 6.33 10.55
C VAL B 152 14.22 7.37 10.47
N LYS B 153 14.47 8.54 11.05
CA LYS B 153 13.41 9.46 11.40
C LYS B 153 13.52 10.85 10.75
N GLY B 154 12.41 11.29 10.15
CA GLY B 154 12.26 12.65 9.65
C GLY B 154 13.07 12.99 8.43
N TYR B 155 12.84 12.24 7.34
CA TYR B 155 13.55 12.50 6.09
C TYR B 155 12.61 12.75 4.92
N PHE B 156 13.09 13.49 3.94
CA PHE B 156 12.34 13.77 2.73
C PHE B 156 13.35 14.17 1.66
N PRO B 157 13.11 13.77 0.41
CA PRO B 157 12.05 12.81 0.00
C PRO B 157 12.52 11.36 0.12
N GLU B 158 11.66 10.43 -0.29
CA GLU B 158 12.06 9.04 -0.47
C GLU B 158 12.93 8.86 -1.73
N PRO B 159 13.79 7.82 -1.76
CA PRO B 159 13.95 6.76 -0.79
C PRO B 159 15.18 6.82 0.13
N VAL B 160 15.11 6.03 1.19
CA VAL B 160 16.25 5.65 2.00
C VAL B 160 16.53 4.17 1.69
N THR B 161 17.80 3.81 1.61
CA THR B 161 18.18 2.40 1.62
C THR B 161 18.86 2.08 2.95
N LEU B 162 18.37 1.04 3.61
CA LEU B 162 18.90 0.58 4.89
C LEU B 162 19.38 -0.86 4.76
N THR B 163 20.66 -1.07 5.01
CA THR B 163 21.22 -2.42 5.03
C THR B 163 21.97 -2.62 6.32
N TRP B 164 22.06 -3.88 6.73
CA TRP B 164 22.76 -4.24 7.96
C TRP B 164 24.12 -4.85 7.70
N ASN B 165 25.07 -4.45 8.55
CA ASN B 165 26.39 -5.05 8.63
C ASN B 165 26.54 -5.75 9.98
N SER B 166 26.19 -7.03 10.04
CA SER B 166 26.47 -7.87 11.22
C SER B 166 27.69 -8.79 10.99
N GLY B 167 27.97 -9.69 11.94
CA GLY B 167 29.13 -10.58 11.85
C GLY B 167 28.83 -12.04 12.11
N LEU B 169 26.61 -14.43 10.72
CA LEU B 169 26.55 -15.58 9.82
C LEU B 169 25.11 -15.96 9.48
N SER B 170 24.20 -15.75 10.42
CA SER B 170 22.80 -16.10 10.21
C SER B 170 21.86 -15.05 10.79
N SER B 171 21.52 -14.06 9.97
CA SER B 171 20.68 -12.97 10.41
C SER B 171 19.38 -12.84 9.63
N GLY B 172 18.32 -12.43 10.34
CA GLY B 172 17.01 -12.15 9.76
C GLY B 172 16.70 -10.67 9.88
N VAL B 173 16.43 -10.04 8.74
CA VAL B 173 16.20 -8.60 8.67
C VAL B 173 14.73 -8.31 8.40
N HIS B 174 14.18 -7.36 9.15
CA HIS B 174 12.85 -6.86 8.86
C HIS B 174 12.93 -5.35 8.70
N THR B 175 12.89 -4.87 7.46
CA THR B 175 12.80 -3.43 7.25
C THR B 175 11.43 -3.02 6.75
N PHE B 176 10.81 -2.12 7.50
CA PHE B 176 9.40 -1.79 7.33
C PHE B 176 9.16 -0.63 6.37
N PRO B 177 8.06 -0.71 5.59
CA PRO B 177 7.73 0.40 4.71
C PRO B 177 7.67 1.74 5.44
N ALA B 178 8.19 2.77 4.80
CA ALA B 178 8.18 4.13 5.33
C ALA B 178 6.76 4.63 5.54
N LEU B 179 6.59 5.58 6.45
CA LEU B 179 5.31 6.30 6.62
C LEU B 179 5.51 7.75 7.04
N LEU B 180 4.50 8.58 6.79
CA LEU B 180 4.57 10.04 6.98
C LEU B 180 4.34 10.56 8.41
N GLN B 181 5.21 11.46 8.84
CA GLN B 181 5.09 12.14 10.13
C GLN B 181 5.31 13.65 9.96
N ASP B 183 5.01 16.06 7.69
CA ASP B 183 5.34 16.14 6.27
C ASP B 183 6.60 15.34 5.89
N LEU B 184 7.11 14.54 6.83
CA LEU B 184 8.37 13.81 6.64
C LEU B 184 8.16 12.31 6.83
N TYR B 185 9.13 11.51 6.39
CA TYR B 185 9.06 10.04 6.46
C TYR B 185 9.87 9.47 7.60
N THR B 186 9.37 8.36 8.16
CA THR B 186 10.10 7.60 9.15
C THR B 186 10.03 6.12 8.79
N LEU B 187 11.16 5.43 8.98
CA LEU B 187 11.27 4.01 8.70
C LEU B 187 11.99 3.32 9.86
N SER B 188 11.67 2.05 10.10
CA SER B 188 12.41 1.24 11.04
C SER B 188 12.83 -0.08 10.44
N SER B 189 13.82 -0.70 11.06
CA SER B 189 14.33 -2.00 10.66
C SER B 189 14.86 -2.78 11.86
N SER B 190 14.62 -4.09 11.88
CA SER B 190 15.19 -4.97 12.88
C SER B 190 16.12 -5.98 12.24
N SER B 191 17.13 -6.39 13.01
CA SER B 191 18.01 -7.48 12.66
C SER B 191 18.02 -8.42 13.84
N THR B 192 17.94 -9.72 13.53
CA THR B 192 18.03 -10.76 14.55
C THR B 192 19.20 -11.66 14.20
N VAL B 193 20.21 -11.66 15.08
CA VAL B 193 21.40 -12.49 14.93
C VAL B 193 21.51 -13.49 16.08
N THR B 194 22.45 -14.42 15.99
CA THR B 194 22.74 -15.36 17.08
C THR B 194 23.31 -14.63 18.31
N SER B 195 23.24 -15.28 19.48
CA SER B 195 23.75 -14.72 20.74
C SER B 195 25.27 -14.51 20.73
N SER B 196 26.01 -15.47 20.17
CA SER B 196 27.47 -15.40 20.06
C SER B 196 27.99 -14.24 19.20
N THR B 197 27.12 -13.66 18.38
CA THR B 197 27.46 -12.58 17.46
C THR B 197 27.64 -11.21 18.15
N TRP B 198 26.92 -11.00 19.25
CA TRP B 198 26.85 -9.70 19.90
C TRP B 198 26.98 -9.88 21.42
N PRO B 199 27.70 -8.96 22.10
CA PRO B 199 28.29 -7.71 21.60
C PRO B 199 29.67 -7.84 20.99
N SER B 200 30.40 -8.89 21.36
CA SER B 200 31.80 -9.14 20.94
C SER B 200 32.23 -8.48 19.62
N GLN B 201 31.50 -8.75 18.54
CA GLN B 201 31.77 -8.16 17.22
C GLN B 201 30.69 -7.16 16.77
N SER B 202 31.15 -6.08 16.11
CA SER B 202 30.30 -4.91 15.81
C SER B 202 29.12 -5.18 14.88
N ILE B 203 28.03 -4.47 15.12
CA ILE B 203 26.85 -4.51 14.26
C ILE B 203 26.41 -3.10 13.89
N THR B 204 26.34 -2.85 12.59
CA THR B 204 26.16 -1.51 12.09
C THR B 204 24.92 -1.39 11.20
N CYS B 205 24.09 -0.41 11.51
CA CYS B 205 22.98 -0.02 10.65
C CYS B 205 23.53 0.94 9.58
N ASN B 206 23.36 0.59 8.30
CA ASN B 206 23.81 1.45 7.19
C ASN B 206 22.67 2.14 6.44
N VAL B 207 22.64 3.46 6.49
CA VAL B 207 21.56 4.24 5.90
C VAL B 207 22.07 5.21 4.84
N ALA B 208 21.46 5.14 3.66
CA ALA B 208 21.77 6.06 2.57
C ALA B 208 20.53 6.86 2.24
N HIS B 209 20.66 8.17 2.26
CA HIS B 209 19.62 9.02 1.74
C HIS B 209 20.22 9.92 0.66
N PRO B 210 20.30 9.41 -0.59
CA PRO B 210 20.99 10.11 -1.69
C PRO B 210 20.60 11.58 -1.82
N ALA B 211 19.30 11.90 -1.73
CA ALA B 211 18.84 13.28 -1.93
C ALA B 211 19.49 14.32 -1.01
N SER B 212 19.84 13.93 0.21
CA SER B 212 20.58 14.81 1.12
C SER B 212 22.09 14.52 1.20
N SER B 213 22.57 13.66 0.30
CA SER B 213 23.99 13.25 0.28
C SER B 213 24.37 12.52 1.56
N THR B 214 23.45 11.71 2.07
CA THR B 214 23.60 11.09 3.38
C THR B 214 24.00 9.63 3.23
N LYS B 215 25.08 9.26 3.92
CA LYS B 215 25.55 7.88 3.93
C LYS B 215 26.16 7.59 5.30
N VAL B 216 25.33 7.10 6.22
CA VAL B 216 25.79 6.86 7.61
C VAL B 216 25.91 5.39 7.98
N ASP B 217 26.97 5.08 8.71
CA ASP B 217 27.19 3.73 9.22
C ASP B 217 27.11 3.79 10.74
N LYS B 218 25.93 3.48 11.29
CA LYS B 218 25.67 3.60 12.72
C LYS B 218 25.93 2.31 13.50
N LYS B 219 26.94 2.32 14.36
CA LYS B 219 27.22 1.17 15.25
C LYS B 219 26.20 1.10 16.40
N ILE B 220 25.72 -0.09 16.70
CA ILE B 220 24.83 -0.29 17.84
C ILE B 220 25.69 -0.58 19.07
N GLU B 221 25.69 0.36 20.00
CA GLU B 221 26.53 0.29 21.18
C GLU B 221 25.75 -0.31 22.35
N PRO B 222 26.25 -1.41 22.93
CA PRO B 222 25.60 -2.12 24.04
C PRO B 222 25.27 -1.22 25.23
N ARG B 223 24.30 -1.64 26.05
CA ARG B 223 23.93 -0.90 27.26
C ARG B 223 24.68 -1.43 28.47
N ALA C 1 -25.79 10.24 -13.83
CA ALA C 1 -25.57 9.79 -15.24
C ALA C 1 -24.94 8.40 -15.31
N LYS C 2 -25.06 7.76 -16.46
CA LYS C 2 -24.35 6.50 -16.69
C LYS C 2 -23.26 6.60 -17.74
N PHE C 3 -22.27 5.72 -17.61
CA PHE C 3 -21.13 5.71 -18.51
C PHE C 3 -21.55 5.31 -19.93
N ARG C 4 -20.76 5.76 -20.90
CA ARG C 4 -21.05 5.52 -22.29
C ARG C 4 -20.79 4.06 -22.72
N HIS C 5 -21.83 3.40 -23.21
CA HIS C 5 -21.74 2.06 -23.80
C HIS C 5 -22.77 1.98 -24.91
N ASP C 6 -22.39 1.35 -26.02
CA ASP C 6 -23.29 1.22 -27.17
C ASP C 6 -24.43 0.22 -26.93
C1 GOL D . 6.79 2.28 12.44
O1 GOL D . 6.93 2.15 13.84
C2 GOL D . 8.05 2.89 11.84
O2 GOL D . 8.21 2.49 10.49
C3 GOL D . 7.93 4.40 11.93
O3 GOL D . 8.38 4.85 13.19
C1 GOL E . -3.91 -15.00 -15.52
O1 GOL E . -4.02 -13.71 -16.09
C2 GOL E . -4.00 -14.91 -14.00
O2 GOL E . -3.28 -13.78 -13.55
C3 GOL E . -3.41 -16.15 -13.38
O3 GOL E . -3.12 -15.88 -12.02
#